data_3LK2
#
_entry.id   3LK2
#
_cell.length_a   54.9
_cell.length_b   71.8
_cell.length_c   154.1
_cell.angle_alpha   90.00
_cell.angle_beta   90.00
_cell.angle_gamma   90.00
#
_symmetry.space_group_name_H-M   'P 21 21 21'
#
loop_
_entity.id
_entity.type
_entity.pdbx_description
1 polymer 'F-actin-capping protein subunit alpha-1'
2 polymer 'F-actin-capping protein subunit beta isoforms 1 and 2'
3 polymer 'Leucine-rich repeat-containing protein 16A'
4 water water
#
loop_
_entity_poly.entity_id
_entity_poly.type
_entity_poly.pdbx_seq_one_letter_code
_entity_poly.pdbx_strand_id
1 'polypeptide(L)'
;MADFEDRVSDEEKVRIAAKFITHAPPGEFNEVFNDVRLLLNNDNLLREGAAHAFAQYNMDQFTPVKIEGYDDQVLITEHG
DLGNGRFLDPRNKISFKFDHLRKEASDPQPEDTESALKQWRDACDSALRAYVKDHYPNGFCTVYGKSIDGQQTIIACIES
HQFQPKNFWNGRWRSEWKFTITPPTAQVAAVLKIQVHYYEDGNVQLVSHKDIQDSVQVSSDVQTAKEFIKIIENAENEYQ
TAISENYQTMSDTTFKALRRQLPVTRTKIDWNKILSYKIGKEMQNA
;
A
2 'polypeptide(L)'
;MSDQQLDCALDLMRRLPPQQIEKNLSDLIDLVPSLCEDLLSSVDQPLKIARDKVVGKDYLLCDYNRDGDSYRSPWSNKYD
PPLEDGAMPSARLRKLEVEANNAFDQYRDLYFEGGVSSVYLWDLDHGFAGVILIKKAGDGSKKIKGCWDSIHVVEVQEKS
SGRTAHYKLTSTVMLWLQTNKTGSGTMNLGGSLTRQMEKDETVSDSSPHIANIGRLVEDMENKIRSTLNEIYFGKTKDIV
NGL
;
B
3 'polypeptide(L)' LRQEKRSSGFISELPSEEGKKLEHFTKLRPKRNKKQQPTQAAVCAANIVSQD T
#
# COMPACT_ATOMS: atom_id res chain seq x y z
N ARG A 7 -28.07 -3.51 2.73
CA ARG A 7 -27.22 -4.74 2.76
C ARG A 7 -26.75 -5.09 1.35
N VAL A 8 -25.48 -5.50 1.26
CA VAL A 8 -24.90 -5.98 0.00
C VAL A 8 -25.32 -7.43 -0.24
N SER A 9 -25.70 -7.75 -1.48
CA SER A 9 -26.01 -9.13 -1.89
C SER A 9 -24.76 -10.03 -1.82
N ASP A 10 -24.98 -11.34 -1.69
CA ASP A 10 -23.92 -12.34 -1.73
C ASP A 10 -23.09 -12.18 -3.00
N GLU A 11 -23.77 -11.86 -4.10
CA GLU A 11 -23.14 -11.63 -5.39
C GLU A 11 -22.10 -10.50 -5.29
N GLU A 12 -22.46 -9.44 -4.57
CA GLU A 12 -21.54 -8.33 -4.37
C GLU A 12 -20.39 -8.69 -3.44
N LYS A 13 -20.70 -9.37 -2.35
CA LYS A 13 -19.68 -9.86 -1.41
C LYS A 13 -18.58 -10.63 -2.13
N VAL A 14 -18.92 -11.55 -3.04
CA VAL A 14 -17.85 -12.22 -3.80
C VAL A 14 -17.14 -11.38 -4.83
N ARG A 15 -17.85 -10.43 -5.43
CA ARG A 15 -17.20 -9.52 -6.34
C ARG A 15 -16.10 -8.80 -5.56
N ILE A 16 -16.43 -8.38 -4.34
CA ILE A 16 -15.45 -7.68 -3.49
C ILE A 16 -14.30 -8.60 -3.08
N ALA A 17 -14.64 -9.82 -2.66
CA ALA A 17 -13.65 -10.83 -2.29
C ALA A 17 -12.72 -11.08 -3.48
N ALA A 18 -13.30 -11.18 -4.68
CA ALA A 18 -12.53 -11.40 -5.93
C ALA A 18 -11.56 -10.27 -6.25
N LYS A 19 -12.06 -9.04 -6.10
CA LYS A 19 -11.26 -7.83 -6.29
C LYS A 19 -10.09 -7.74 -5.31
N PHE A 20 -10.32 -8.06 -4.03
CA PHE A 20 -9.22 -8.08 -3.06
C PHE A 20 -8.14 -9.06 -3.48
N ILE A 21 -8.55 -10.26 -3.89
CA ILE A 21 -7.63 -11.29 -4.33
C ILE A 21 -6.79 -10.81 -5.51
N THR A 22 -7.39 -10.10 -6.46
CA THR A 22 -6.62 -9.60 -7.62
C THR A 22 -5.61 -8.47 -7.27
N HIS A 23 -5.82 -7.80 -6.12
CA HIS A 23 -4.90 -6.74 -5.66
C HIS A 23 -3.92 -7.19 -4.57
N ALA A 24 -3.80 -8.49 -4.39
CA ALA A 24 -2.81 -9.02 -3.50
C ALA A 24 -1.41 -8.62 -3.99
N PRO A 25 -0.54 -8.16 -3.08
CA PRO A 25 0.80 -7.87 -3.52
C PRO A 25 1.56 -9.16 -3.92
N PRO A 26 2.67 -9.03 -4.65
CA PRO A 26 3.38 -10.24 -5.03
C PRO A 26 3.89 -10.99 -3.80
N GLY A 27 3.84 -12.32 -3.87
CA GLY A 27 4.21 -13.19 -2.76
C GLY A 27 3.25 -13.25 -1.57
N GLU A 28 2.07 -12.67 -1.72
CA GLU A 28 1.10 -12.62 -0.63
C GLU A 28 -0.30 -13.09 -1.01
N PHE A 29 -0.41 -13.76 -2.14
CA PHE A 29 -1.70 -14.34 -2.57
C PHE A 29 -2.35 -15.22 -1.50
N ASN A 30 -1.54 -16.05 -0.83
CA ASN A 30 -2.08 -17.02 0.11
C ASN A 30 -2.69 -16.36 1.36
N GLU A 31 -1.99 -15.35 1.87
CA GLU A 31 -2.44 -14.53 3.00
C GLU A 31 -3.75 -13.79 2.70
N VAL A 32 -3.83 -13.18 1.52
CA VAL A 32 -5.02 -12.42 1.10
C VAL A 32 -6.17 -13.40 0.87
N PHE A 33 -5.89 -14.53 0.23
CA PHE A 33 -6.90 -15.56 0.04
C PHE A 33 -7.49 -16.04 1.37
N ASN A 34 -6.60 -16.43 2.30
CA ASN A 34 -7.06 -16.89 3.62
C ASN A 34 -7.87 -15.81 4.34
N ASP A 35 -7.43 -14.55 4.25
CA ASP A 35 -8.18 -13.47 4.89
C ASP A 35 -9.60 -13.35 4.32
N VAL A 36 -9.67 -13.34 2.99
CA VAL A 36 -10.91 -13.16 2.27
C VAL A 36 -11.82 -14.39 2.39
N ARG A 37 -11.23 -15.59 2.34
CA ARG A 37 -11.96 -16.83 2.56
C ARG A 37 -12.72 -16.85 3.88
N LEU A 38 -12.07 -16.38 4.94
CA LEU A 38 -12.66 -16.37 6.27
C LEU A 38 -13.72 -15.26 6.42
N LEU A 39 -13.46 -14.11 5.80
CA LEU A 39 -14.39 -12.98 5.85
C LEU A 39 -15.66 -13.27 5.07
N LEU A 40 -15.54 -13.89 3.91
CA LEU A 40 -16.69 -14.32 3.17
C LEU A 40 -17.50 -15.40 3.85
N ASN A 41 -16.82 -16.39 4.42
CA ASN A 41 -17.46 -17.45 5.17
C ASN A 41 -18.48 -18.18 4.34
N ASN A 42 -18.17 -18.41 3.08
CA ASN A 42 -18.92 -19.26 2.20
C ASN A 42 -18.05 -19.90 1.15
N ASP A 43 -17.57 -21.09 1.35
CA ASP A 43 -16.63 -21.67 0.41
C ASP A 43 -17.16 -21.95 -0.99
N ASN A 44 -18.39 -22.38 -1.08
CA ASN A 44 -19.07 -22.60 -2.34
C ASN A 44 -19.15 -21.33 -3.16
N LEU A 45 -19.46 -20.22 -2.49
CA LEU A 45 -19.58 -18.92 -3.14
C LEU A 45 -18.22 -18.41 -3.63
N LEU A 46 -17.22 -18.47 -2.76
CA LEU A 46 -15.85 -18.13 -3.13
C LEU A 46 -15.39 -18.91 -4.36
N ARG A 47 -15.67 -20.21 -4.39
CA ARG A 47 -15.20 -21.04 -5.50
C ARG A 47 -15.85 -20.66 -6.82
N GLU A 48 -17.18 -20.43 -6.85
CA GLU A 48 -17.85 -20.04 -8.10
C GLU A 48 -17.44 -18.62 -8.50
N GLY A 49 -17.57 -17.70 -7.55
CA GLY A 49 -17.47 -16.27 -7.80
C GLY A 49 -16.07 -15.69 -7.93
N ALA A 50 -15.06 -16.42 -7.48
CA ALA A 50 -13.72 -15.87 -7.50
C ALA A 50 -12.70 -16.78 -8.17
N ALA A 51 -13.19 -17.82 -8.85
CA ALA A 51 -12.35 -18.68 -9.68
C ALA A 51 -11.66 -17.87 -10.78
N HIS A 52 -12.40 -16.93 -11.38
CA HIS A 52 -11.85 -16.04 -12.39
C HIS A 52 -10.65 -15.25 -11.85
N ALA A 53 -10.76 -14.81 -10.59
CA ALA A 53 -9.77 -13.94 -9.97
C ALA A 53 -8.45 -14.64 -9.64
N PHE A 54 -8.50 -15.92 -9.27
CA PHE A 54 -7.29 -16.69 -9.03
C PHE A 54 -6.42 -16.73 -10.30
N ALA A 55 -7.06 -17.05 -11.43
CA ALA A 55 -6.40 -17.12 -12.74
C ALA A 55 -5.91 -15.73 -13.19
N GLN A 56 -6.76 -14.72 -13.02
CA GLN A 56 -6.34 -13.39 -13.41
C GLN A 56 -5.14 -12.91 -12.63
N TYR A 57 -5.11 -13.21 -11.34
CA TYR A 57 -3.99 -12.79 -10.51
C TYR A 57 -2.69 -13.41 -11.03
N ASN A 58 -2.71 -14.73 -11.28
CA ASN A 58 -1.55 -15.46 -11.77
C ASN A 58 -1.03 -14.96 -13.13
N MET A 59 -1.97 -14.63 -14.02
CA MET A 59 -1.62 -14.15 -15.38
C MET A 59 -1.11 -12.70 -15.40
N ASP A 60 -1.71 -11.86 -14.57
CA ASP A 60 -1.31 -10.49 -14.41
C ASP A 60 0.04 -10.40 -13.68
N GLN A 61 0.33 -11.34 -12.78
CA GLN A 61 1.56 -11.30 -12.02
C GLN A 61 2.74 -11.96 -12.70
N PHE A 62 2.49 -12.62 -13.83
CA PHE A 62 3.50 -13.38 -14.58
C PHE A 62 4.13 -14.46 -13.70
N THR A 63 3.27 -15.14 -12.93
CA THR A 63 3.70 -16.19 -12.00
C THR A 63 4.65 -17.21 -12.63
N PRO A 64 5.90 -17.30 -12.11
CA PRO A 64 6.78 -18.37 -12.57
C PRO A 64 6.43 -19.74 -11.99
N VAL A 65 6.49 -20.76 -12.84
CA VAL A 65 6.24 -22.12 -12.38
C VAL A 65 7.26 -23.14 -12.89
N LYS A 66 7.72 -23.96 -11.96
CA LYS A 66 8.57 -25.10 -12.25
C LYS A 66 7.76 -26.33 -12.69
N ILE A 67 8.11 -26.88 -13.83
CA ILE A 67 7.55 -28.12 -14.34
C ILE A 67 8.58 -29.23 -14.17
N GLU A 68 8.13 -30.35 -13.61
CA GLU A 68 8.98 -31.52 -13.40
C GLU A 68 9.64 -31.97 -14.71
N GLY A 69 10.96 -32.09 -14.68
CA GLY A 69 11.69 -32.61 -15.84
C GLY A 69 12.12 -31.58 -16.88
N TYR A 70 11.97 -30.30 -16.56
CA TYR A 70 12.44 -29.24 -17.44
C TYR A 70 13.13 -28.22 -16.57
N ASP A 71 14.29 -27.74 -16.99
CA ASP A 71 15.09 -26.89 -16.13
C ASP A 71 14.59 -25.47 -16.06
N ASP A 72 14.01 -24.98 -17.15
CA ASP A 72 13.67 -23.58 -17.18
C ASP A 72 12.19 -23.35 -16.87
N GLN A 73 11.96 -22.54 -15.84
CA GLN A 73 10.61 -22.22 -15.40
C GLN A 73 9.89 -21.44 -16.50
N VAL A 74 8.58 -21.53 -16.48
CA VAL A 74 7.75 -20.87 -17.49
C VAL A 74 6.84 -19.87 -16.77
N LEU A 75 6.54 -18.76 -17.44
CA LEU A 75 5.63 -17.76 -16.87
C LEU A 75 4.19 -18.10 -17.25
N ILE A 76 3.28 -17.87 -16.32
CA ILE A 76 1.87 -17.98 -16.62
C ILE A 76 1.38 -16.62 -17.04
N THR A 77 0.94 -16.51 -18.28
CA THR A 77 0.48 -15.22 -18.82
C THR A 77 -0.79 -15.49 -19.62
N GLU A 78 -1.52 -14.46 -20.00
CA GLU A 78 -2.70 -14.63 -20.88
C GLU A 78 -2.29 -15.19 -22.25
N HIS A 79 -1.05 -14.95 -22.65
CA HIS A 79 -0.59 -15.35 -23.97
C HIS A 79 -0.40 -16.86 -24.08
N GLY A 80 -0.20 -17.51 -22.94
CA GLY A 80 -0.04 -18.96 -22.90
C GLY A 80 -1.31 -19.73 -22.55
N ASP A 81 -2.36 -19.02 -22.18
CA ASP A 81 -3.63 -19.65 -21.82
C ASP A 81 -4.22 -20.40 -23.02
N LEU A 82 -4.32 -21.72 -22.89
CA LEU A 82 -4.84 -22.56 -23.94
C LEU A 82 -6.25 -23.05 -23.65
N GLY A 83 -6.82 -22.58 -22.55
CA GLY A 83 -8.17 -22.99 -22.17
C GLY A 83 -8.20 -24.30 -21.41
N ASN A 84 -9.32 -24.55 -20.76
CA ASN A 84 -9.53 -25.70 -19.88
C ASN A 84 -8.30 -26.04 -19.00
N GLY A 85 -7.87 -25.04 -18.23
CA GLY A 85 -6.85 -25.22 -17.21
C GLY A 85 -5.44 -25.41 -17.71
N ARG A 86 -5.25 -25.47 -19.03
CA ARG A 86 -3.91 -25.71 -19.60
C ARG A 86 -3.21 -24.43 -20.06
N PHE A 87 -1.88 -24.44 -19.98
CA PHE A 87 -1.02 -23.36 -20.41
C PHE A 87 0.12 -23.84 -21.29
N LEU A 88 0.53 -23.00 -22.24
CA LEU A 88 1.61 -23.31 -23.16
C LEU A 88 2.96 -23.03 -22.50
N ASP A 89 3.92 -23.92 -22.75
CA ASP A 89 5.33 -23.63 -22.55
C ASP A 89 5.98 -23.69 -23.92
N PRO A 90 6.10 -22.53 -24.59
CA PRO A 90 6.58 -22.46 -25.97
C PRO A 90 8.02 -22.90 -26.13
N ARG A 91 8.87 -22.63 -25.14
CA ARG A 91 10.28 -23.03 -25.19
C ARG A 91 10.40 -24.55 -25.22
N ASN A 92 9.71 -25.20 -24.27
CA ASN A 92 9.79 -26.65 -24.13
C ASN A 92 8.81 -27.43 -25.01
N LYS A 93 7.98 -26.70 -25.77
CA LYS A 93 6.97 -27.30 -26.66
C LYS A 93 6.04 -28.29 -25.95
N ILE A 94 5.54 -27.88 -24.79
CA ILE A 94 4.58 -28.68 -24.04
C ILE A 94 3.39 -27.84 -23.60
N SER A 95 2.40 -28.55 -23.11
CA SER A 95 1.20 -28.02 -22.51
C SER A 95 1.17 -28.64 -21.12
N PHE A 96 0.54 -27.95 -20.17
CA PHE A 96 0.47 -28.42 -18.80
C PHE A 96 -0.73 -27.81 -18.12
N LYS A 97 -1.40 -28.63 -17.32
CA LYS A 97 -2.44 -28.19 -16.43
C LYS A 97 -1.82 -27.32 -15.37
N PHE A 98 -2.57 -26.31 -14.95
CA PHE A 98 -2.13 -25.45 -13.88
C PHE A 98 -3.23 -25.27 -12.86
N ASP A 99 -2.91 -25.64 -11.62
CA ASP A 99 -3.79 -25.39 -10.48
C ASP A 99 -3.49 -23.99 -10.04
N HIS A 100 -4.45 -23.09 -10.24
CA HIS A 100 -4.27 -21.67 -9.95
C HIS A 100 -4.14 -21.30 -8.48
N LEU A 101 -4.73 -22.10 -7.60
CA LEU A 101 -4.66 -21.81 -6.15
C LEU A 101 -3.37 -22.27 -5.50
N ARG A 102 -3.02 -23.52 -5.79
CA ARG A 102 -1.83 -24.18 -5.28
C ARG A 102 -0.61 -23.77 -6.07
N LYS A 103 -0.84 -23.09 -7.20
CA LYS A 103 0.17 -22.75 -8.22
C LYS A 103 1.14 -23.88 -8.58
N GLU A 104 0.56 -25.00 -9.06
CA GLU A 104 1.28 -26.21 -9.45
C GLU A 104 0.99 -26.63 -10.88
N ALA A 105 2.05 -26.99 -11.58
CA ALA A 105 1.94 -27.56 -12.92
C ALA A 105 1.85 -29.06 -12.83
N SER A 106 0.91 -29.64 -13.56
CA SER A 106 0.86 -31.10 -13.72
C SER A 106 0.66 -31.51 -15.18
N ASP A 107 0.69 -32.82 -15.40
CA ASP A 107 0.34 -33.46 -16.69
C ASP A 107 0.93 -32.80 -17.94
N PRO A 108 2.28 -32.74 -18.05
CA PRO A 108 2.87 -32.16 -19.25
C PRO A 108 2.68 -33.06 -20.46
N GLN A 109 2.37 -32.43 -21.60
CA GLN A 109 2.10 -33.13 -22.84
C GLN A 109 2.66 -32.37 -24.02
N PRO A 110 3.10 -33.06 -25.05
CA PRO A 110 3.67 -32.36 -26.18
C PRO A 110 2.65 -31.50 -26.85
N GLU A 111 3.04 -30.31 -27.27
CA GLU A 111 2.21 -29.42 -28.06
C GLU A 111 2.83 -29.16 -29.40
N ASP A 112 2.09 -29.32 -30.48
CA ASP A 112 2.61 -28.92 -31.76
C ASP A 112 2.66 -27.42 -31.91
N THR A 113 3.76 -26.87 -32.41
CA THR A 113 3.79 -25.44 -32.75
C THR A 113 3.91 -24.94 -34.19
N GLU A 114 5.15 -24.98 -34.67
CA GLU A 114 5.52 -25.10 -36.09
C GLU A 114 5.62 -23.98 -37.17
N SER A 115 5.44 -22.71 -36.87
CA SER A 115 4.61 -21.79 -37.66
C SER A 115 5.16 -21.02 -38.90
N ALA A 116 6.40 -21.22 -39.31
CA ALA A 116 7.49 -20.94 -38.41
C ALA A 116 7.61 -19.43 -38.27
N LEU A 117 6.67 -18.86 -37.52
CA LEU A 117 6.87 -17.69 -36.72
C LEU A 117 7.67 -18.24 -35.55
N LYS A 118 7.67 -19.57 -35.46
CA LYS A 118 8.50 -20.35 -34.54
C LYS A 118 10.00 -20.05 -34.68
N GLN A 119 10.45 -19.81 -35.91
CA GLN A 119 11.86 -19.55 -36.16
C GLN A 119 12.26 -18.26 -35.46
N TRP A 120 11.44 -17.22 -35.63
CA TRP A 120 11.62 -15.94 -34.97
C TRP A 120 11.48 -16.10 -33.46
N ARG A 121 10.42 -16.78 -33.06
CA ARG A 121 10.15 -17.07 -31.67
C ARG A 121 11.37 -17.65 -30.97
N ASP A 122 11.96 -18.69 -31.55
CA ASP A 122 13.13 -19.33 -30.98
C ASP A 122 14.37 -18.42 -30.88
N ALA A 123 14.57 -17.54 -31.88
CA ALA A 123 15.72 -16.62 -31.88
C ALA A 123 15.56 -15.51 -30.84
N CYS A 124 14.33 -15.01 -30.71
CA CYS A 124 14.02 -13.99 -29.72
C CYS A 124 14.18 -14.56 -28.32
N ASP A 125 13.72 -15.78 -28.14
CA ASP A 125 13.81 -16.48 -26.89
C ASP A 125 15.26 -16.71 -26.46
N SER A 126 16.13 -17.04 -27.40
CA SER A 126 17.53 -17.30 -27.07
C SER A 126 18.24 -16.03 -26.60
N ALA A 127 18.03 -14.96 -27.34
CA ALA A 127 18.61 -13.68 -27.05
C ALA A 127 18.07 -13.08 -25.75
N LEU A 128 16.80 -13.36 -25.43
CA LEU A 128 16.17 -12.84 -24.23
C LEU A 128 16.64 -13.61 -22.99
N ARG A 129 16.74 -14.92 -23.13
CA ARG A 129 17.27 -15.78 -22.08
C ARG A 129 18.66 -15.34 -21.59
N ALA A 130 19.58 -15.08 -22.54
CA ALA A 130 20.91 -14.58 -22.21
C ALA A 130 20.82 -13.19 -21.55
N TYR A 131 19.97 -12.32 -22.09
CA TYR A 131 19.73 -11.01 -21.51
C TYR A 131 19.27 -11.15 -20.05
N VAL A 132 18.23 -11.95 -19.83
CA VAL A 132 17.68 -12.10 -18.50
C VAL A 132 18.65 -12.69 -17.47
N LYS A 133 19.43 -13.69 -17.87
CA LYS A 133 20.42 -14.22 -16.94
C LYS A 133 21.43 -13.16 -16.52
N ASP A 134 21.79 -12.26 -17.43
CA ASP A 134 22.74 -11.20 -17.10
C ASP A 134 22.15 -10.06 -16.28
N HIS A 135 20.91 -9.71 -16.57
CA HIS A 135 20.37 -8.43 -16.09
C HIS A 135 19.53 -8.52 -14.84
N TYR A 136 19.18 -9.74 -14.47
CA TYR A 136 18.34 -10.01 -13.33
C TYR A 136 19.03 -11.07 -12.43
N PRO A 137 18.92 -10.95 -11.11
CA PRO A 137 19.48 -12.01 -10.23
C PRO A 137 18.74 -13.34 -10.35
N ASN A 138 17.42 -13.29 -10.46
CA ASN A 138 16.58 -14.47 -10.35
C ASN A 138 15.45 -14.43 -11.38
N GLY A 139 15.79 -13.98 -12.58
CA GLY A 139 14.76 -13.71 -13.58
C GLY A 139 14.30 -14.92 -14.35
N PHE A 140 13.08 -14.84 -14.85
CA PHE A 140 12.53 -15.82 -15.76
C PHE A 140 11.91 -15.07 -16.93
N CYS A 141 11.89 -15.69 -18.10
CA CYS A 141 11.22 -15.11 -19.27
C CYS A 141 10.54 -16.17 -20.08
N THR A 142 9.49 -15.78 -20.80
CA THR A 142 8.81 -16.65 -21.75
C THR A 142 8.52 -15.87 -23.04
N VAL A 143 8.80 -16.46 -24.19
CA VAL A 143 8.57 -15.78 -25.47
C VAL A 143 7.49 -16.50 -26.31
N TYR A 144 6.49 -15.76 -26.75
CA TYR A 144 5.39 -16.31 -27.58
C TYR A 144 5.42 -15.82 -29.02
N GLY A 145 5.00 -16.69 -29.94
CA GLY A 145 4.87 -16.35 -31.36
C GLY A 145 3.48 -16.73 -31.83
N LYS A 146 2.72 -15.74 -32.27
CA LYS A 146 1.34 -15.98 -32.72
C LYS A 146 0.80 -14.89 -33.67
N SER A 147 -0.30 -15.22 -34.33
CA SER A 147 -1.01 -14.28 -35.18
C SER A 147 -2.20 -13.70 -34.44
N ILE A 148 -2.20 -12.38 -34.30
CA ILE A 148 -3.36 -11.66 -33.75
C ILE A 148 -3.81 -10.63 -34.77
N ASP A 149 -5.08 -10.72 -35.13
CA ASP A 149 -5.71 -9.92 -36.18
C ASP A 149 -4.95 -10.06 -37.51
N GLY A 150 -4.46 -11.27 -37.79
CA GLY A 150 -3.70 -11.53 -39.02
C GLY A 150 -2.33 -10.88 -39.05
N GLN A 151 -1.80 -10.56 -37.88
CA GLN A 151 -0.47 -9.97 -37.79
C GLN A 151 0.46 -10.87 -36.98
N GLN A 152 1.63 -11.17 -37.55
CA GLN A 152 2.67 -11.93 -36.86
C GLN A 152 3.39 -11.12 -35.78
N THR A 153 3.21 -11.54 -34.53
CA THR A 153 3.64 -10.79 -33.37
C THR A 153 4.49 -11.66 -32.43
N ILE A 154 5.59 -11.09 -31.95
CA ILE A 154 6.42 -11.72 -30.96
C ILE A 154 6.08 -11.06 -29.62
N ILE A 155 5.87 -11.89 -28.60
CA ILE A 155 5.54 -11.36 -27.29
C ILE A 155 6.53 -11.87 -26.26
N ALA A 156 7.27 -10.97 -25.66
CA ALA A 156 8.31 -11.34 -24.72
C ALA A 156 7.89 -10.88 -23.34
N CYS A 157 7.91 -11.82 -22.39
CA CYS A 157 7.53 -11.53 -20.99
C CYS A 157 8.65 -11.85 -20.02
N ILE A 158 8.93 -10.91 -19.12
CA ILE A 158 10.01 -11.07 -18.16
C ILE A 158 9.45 -10.92 -16.75
N GLU A 159 9.85 -11.81 -15.86
CA GLU A 159 9.53 -11.65 -14.45
C GLU A 159 10.78 -11.83 -13.60
N SER A 160 10.83 -11.08 -12.49
CA SER A 160 11.91 -11.16 -11.50
C SER A 160 11.36 -10.69 -10.15
N HIS A 161 11.56 -11.51 -9.12
CA HIS A 161 11.01 -11.20 -7.82
C HIS A 161 11.97 -11.56 -6.68
N GLN A 162 11.73 -10.94 -5.53
CA GLN A 162 12.41 -11.25 -4.28
C GLN A 162 11.37 -11.29 -3.17
N PHE A 163 11.18 -12.47 -2.60
CA PHE A 163 10.20 -12.65 -1.54
C PHE A 163 10.92 -12.85 -0.22
N GLN A 164 10.68 -11.96 0.74
CA GLN A 164 11.20 -12.19 2.10
C GLN A 164 10.10 -12.01 3.13
N PRO A 165 9.15 -12.94 3.14
CA PRO A 165 8.02 -12.91 4.05
C PRO A 165 8.45 -12.90 5.53
N LYS A 166 9.58 -13.55 5.84
CA LYS A 166 10.08 -13.55 7.22
C LYS A 166 10.53 -12.17 7.70
N ASN A 167 10.93 -11.33 6.74
CA ASN A 167 11.35 -9.96 7.00
C ASN A 167 10.28 -8.95 6.63
N PHE A 168 9.08 -9.45 6.31
CA PHE A 168 7.92 -8.61 6.00
C PHE A 168 8.11 -7.72 4.76
N TRP A 169 8.72 -8.28 3.72
CA TRP A 169 8.72 -7.57 2.45
C TRP A 169 8.78 -8.47 1.25
N ASN A 170 8.26 -7.95 0.15
CA ASN A 170 8.21 -8.64 -1.13
C ASN A 170 8.32 -7.63 -2.26
N GLY A 171 8.92 -8.06 -3.36
CA GLY A 171 9.08 -7.20 -4.50
C GLY A 171 9.04 -7.97 -5.80
N ARG A 172 8.51 -7.33 -6.85
CA ARG A 172 8.45 -7.94 -8.15
C ARG A 172 8.55 -6.93 -9.30
N TRP A 173 9.32 -7.32 -10.30
CA TRP A 173 9.40 -6.66 -11.60
C TRP A 173 8.71 -7.52 -12.66
N ARG A 174 7.94 -6.89 -13.56
CA ARG A 174 7.37 -7.51 -14.74
C ARG A 174 7.60 -6.59 -15.93
N SER A 175 7.86 -7.17 -17.10
CA SER A 175 7.83 -6.40 -18.34
C SER A 175 7.30 -7.27 -19.45
N GLU A 176 6.48 -6.65 -20.29
CA GLU A 176 5.93 -7.31 -21.45
C GLU A 176 6.28 -6.53 -22.72
N TRP A 177 6.92 -7.20 -23.68
CA TRP A 177 7.35 -6.58 -24.93
C TRP A 177 6.67 -7.24 -26.14
N LYS A 178 6.07 -6.41 -26.99
CA LYS A 178 5.36 -6.89 -28.17
C LYS A 178 6.02 -6.34 -29.41
N PHE A 179 6.51 -7.24 -30.23
CA PHE A 179 7.11 -6.90 -31.50
C PHE A 179 6.18 -7.38 -32.61
N THR A 180 5.69 -6.45 -33.41
CA THR A 180 4.72 -6.73 -34.46
C THR A 180 5.46 -6.66 -35.82
N ILE A 181 5.67 -7.82 -36.45
CA ILE A 181 6.58 -7.93 -37.60
C ILE A 181 6.01 -7.38 -38.90
N THR A 182 6.54 -6.24 -39.33
CA THR A 182 6.08 -5.55 -40.54
C THR A 182 7.28 -4.94 -41.25
N PRO A 183 7.98 -5.74 -42.09
CA PRO A 183 9.09 -5.19 -42.88
C PRO A 183 8.74 -3.84 -43.54
N PRO A 184 9.69 -2.88 -43.53
CA PRO A 184 10.99 -3.05 -42.91
C PRO A 184 11.06 -2.61 -41.44
N THR A 185 10.02 -1.92 -40.96
CA THR A 185 10.00 -1.36 -39.61
C THR A 185 8.92 -1.99 -38.71
N ALA A 186 9.36 -2.73 -37.67
CA ALA A 186 8.46 -3.27 -36.65
C ALA A 186 8.26 -2.26 -35.54
N GLN A 187 7.00 -1.93 -35.26
CA GLN A 187 6.67 -1.11 -34.12
C GLN A 187 6.71 -1.98 -32.86
N VAL A 188 7.18 -1.37 -31.77
CA VAL A 188 7.42 -2.08 -30.56
C VAL A 188 6.59 -1.40 -29.50
N ALA A 189 5.85 -2.18 -28.72
CA ALA A 189 5.15 -1.63 -27.55
C ALA A 189 5.54 -2.38 -26.28
N ALA A 190 5.66 -1.65 -25.18
CA ALA A 190 5.97 -2.29 -23.92
C ALA A 190 5.31 -1.64 -22.72
N VAL A 191 5.18 -2.45 -21.69
CA VAL A 191 4.87 -1.99 -20.33
C VAL A 191 5.81 -2.66 -19.33
N LEU A 192 6.46 -1.81 -18.56
CA LEU A 192 7.37 -2.14 -17.49
C LEU A 192 6.65 -1.84 -16.19
N LYS A 193 6.70 -2.74 -15.21
CA LYS A 193 6.00 -2.57 -13.92
C LYS A 193 6.89 -2.95 -12.76
N ILE A 194 6.85 -2.13 -11.69
CA ILE A 194 7.50 -2.46 -10.42
C ILE A 194 6.50 -2.43 -9.29
N GLN A 195 6.64 -3.35 -8.34
CA GLN A 195 5.83 -3.30 -7.13
C GLN A 195 6.63 -3.81 -5.97
N VAL A 196 6.65 -3.05 -4.89
CA VAL A 196 7.41 -3.41 -3.70
C VAL A 196 6.50 -3.17 -2.51
N HIS A 197 6.48 -4.12 -1.58
CA HIS A 197 5.62 -4.02 -0.41
C HIS A 197 6.46 -4.25 0.83
N TYR A 198 6.40 -3.30 1.75
CA TYR A 198 7.05 -3.49 3.06
C TYR A 198 5.99 -3.36 4.12
N TYR A 199 5.97 -4.28 5.09
CA TYR A 199 4.86 -4.33 6.03
C TYR A 199 5.19 -4.75 7.43
N GLU A 200 6.44 -4.50 7.85
CA GLU A 200 6.77 -4.58 9.27
C GLU A 200 6.27 -3.31 9.98
N ASP A 201 5.40 -3.50 10.95
CA ASP A 201 4.85 -2.36 11.69
C ASP A 201 4.40 -1.22 10.76
N GLY A 202 3.77 -1.59 9.65
CA GLY A 202 3.17 -0.66 8.70
C GLY A 202 2.75 -1.34 7.41
N ASN A 203 2.54 -0.53 6.38
CA ASN A 203 2.17 -1.00 5.05
C ASN A 203 2.60 0.08 4.05
N VAL A 204 3.78 -0.12 3.45
CA VAL A 204 4.35 0.82 2.48
C VAL A 204 4.45 0.14 1.12
N GLN A 205 3.99 0.79 0.06
CA GLN A 205 4.12 0.20 -1.27
C GLN A 205 4.58 1.15 -2.35
N LEU A 206 5.54 0.67 -3.13
CA LEU A 206 5.92 1.31 -4.36
C LEU A 206 5.13 0.64 -5.50
N VAL A 207 4.45 1.48 -6.28
CA VAL A 207 3.78 1.07 -7.50
C VAL A 207 4.21 2.05 -8.58
N SER A 208 4.57 1.49 -9.74
CA SER A 208 5.13 2.24 -10.87
C SER A 208 5.01 1.40 -12.14
N HIS A 209 4.84 2.06 -13.27
CA HIS A 209 4.87 1.36 -14.55
C HIS A 209 5.27 2.36 -15.59
N LYS A 210 5.71 1.88 -16.75
CA LYS A 210 6.08 2.77 -17.81
C LYS A 210 5.75 2.10 -19.12
N ASP A 211 5.19 2.89 -20.03
CA ASP A 211 4.86 2.46 -21.36
C ASP A 211 5.98 2.88 -22.32
N ILE A 212 6.32 1.98 -23.22
CA ILE A 212 7.35 2.23 -24.21
C ILE A 212 6.72 2.06 -25.58
N GLN A 213 7.03 2.96 -26.50
CA GLN A 213 6.76 2.76 -27.94
C GLN A 213 8.04 3.07 -28.70
N ASP A 214 8.36 2.24 -29.67
CA ASP A 214 9.62 2.38 -30.36
C ASP A 214 9.49 1.62 -31.64
N SER A 215 10.59 1.49 -32.38
CA SER A 215 10.55 0.74 -33.62
C SER A 215 11.86 0.02 -33.88
N VAL A 216 11.78 -1.13 -34.55
CA VAL A 216 12.95 -1.91 -34.90
C VAL A 216 12.94 -2.23 -36.38
N GLN A 217 14.08 -2.15 -37.00
CA GLN A 217 14.19 -2.59 -38.35
C GLN A 217 14.20 -4.08 -38.41
N VAL A 218 13.42 -4.65 -39.30
CA VAL A 218 13.39 -6.10 -39.30
C VAL A 218 14.17 -6.64 -40.46
N SER A 219 15.03 -7.58 -40.14
CA SER A 219 15.94 -8.20 -41.07
C SER A 219 15.81 -9.73 -41.01
N SER A 220 16.87 -10.44 -40.68
CA SER A 220 16.79 -11.82 -40.28
C SER A 220 16.24 -12.08 -38.88
N ASP A 221 15.74 -13.30 -38.64
CA ASP A 221 15.24 -13.61 -37.31
C ASP A 221 16.30 -13.31 -36.23
N VAL A 222 17.54 -13.77 -36.44
CA VAL A 222 18.62 -13.67 -35.48
C VAL A 222 19.16 -12.25 -35.32
N GLN A 223 19.13 -11.49 -36.41
CA GLN A 223 19.60 -10.11 -36.38
C GLN A 223 18.55 -9.25 -35.73
N THR A 224 17.29 -9.54 -36.02
CA THR A 224 16.18 -8.72 -35.55
C THR A 224 16.00 -8.92 -34.04
N ALA A 225 16.13 -10.17 -33.61
CA ALA A 225 16.08 -10.53 -32.20
C ALA A 225 17.11 -9.74 -31.40
N LYS A 226 18.34 -9.74 -31.91
CA LYS A 226 19.42 -9.01 -31.26
C LYS A 226 19.11 -7.50 -31.18
N GLU A 227 18.41 -6.96 -32.18
CA GLU A 227 17.98 -5.57 -32.14
C GLU A 227 16.85 -5.35 -31.14
N PHE A 228 15.91 -6.30 -31.10
CA PHE A 228 14.82 -6.40 -30.13
C PHE A 228 15.38 -6.27 -28.72
N ILE A 229 16.35 -7.13 -28.41
CA ILE A 229 16.97 -7.19 -27.09
C ILE A 229 17.70 -5.91 -26.74
N LYS A 230 18.27 -5.29 -27.76
CA LYS A 230 18.96 -4.02 -27.61
C LYS A 230 18.00 -2.92 -27.14
N ILE A 231 16.80 -2.88 -27.73
CA ILE A 231 15.77 -1.91 -27.31
C ILE A 231 15.24 -2.23 -25.89
N ILE A 232 15.07 -3.52 -25.58
CA ILE A 232 14.63 -3.92 -24.26
C ILE A 232 15.65 -3.42 -23.22
N GLU A 233 16.91 -3.85 -23.37
CA GLU A 233 17.95 -3.48 -22.44
C GLU A 233 17.99 -1.98 -22.19
N ASN A 234 18.07 -1.20 -23.27
CA ASN A 234 18.10 0.24 -23.16
C ASN A 234 16.91 0.85 -22.43
N ALA A 235 15.70 0.44 -22.82
CA ALA A 235 14.48 0.92 -22.18
C ALA A 235 14.40 0.46 -20.72
N GLU A 236 14.78 -0.79 -20.43
CA GLU A 236 14.71 -1.28 -19.04
C GLU A 236 15.76 -0.58 -18.15
N ASN A 237 16.97 -0.40 -18.69
CA ASN A 237 17.99 0.43 -18.03
C ASN A 237 17.61 1.90 -17.77
N GLU A 238 16.98 2.55 -18.74
CA GLU A 238 16.58 3.96 -18.58
C GLU A 238 15.53 4.10 -17.49
N TYR A 239 14.55 3.20 -17.50
CA TYR A 239 13.52 3.18 -16.48
C TYR A 239 14.09 2.97 -15.08
N GLN A 240 14.99 2.01 -14.91
CA GLN A 240 15.64 1.77 -13.60
C GLN A 240 16.37 3.03 -13.10
N THR A 241 17.03 3.71 -14.04
CA THR A 241 17.72 4.96 -13.77
C THR A 241 16.74 6.06 -13.32
N ALA A 242 15.59 6.15 -13.97
CA ALA A 242 14.57 7.13 -13.62
C ALA A 242 13.99 6.90 -12.23
N ILE A 243 13.65 5.65 -11.91
CA ILE A 243 13.17 5.27 -10.59
C ILE A 243 14.17 5.74 -9.55
N SER A 244 15.44 5.44 -9.83
CA SER A 244 16.50 5.76 -8.90
C SER A 244 16.75 7.28 -8.80
N GLU A 245 16.63 8.02 -9.91
CA GLU A 245 16.56 9.48 -9.86
C GLU A 245 15.35 9.97 -9.03
N ASN A 246 14.19 9.32 -9.18
CA ASN A 246 12.98 9.72 -8.44
C ASN A 246 13.17 9.54 -6.93
N TYR A 247 13.77 8.42 -6.53
CA TYR A 247 14.13 8.20 -5.15
C TYR A 247 14.99 9.29 -4.56
N GLN A 248 16.01 9.70 -5.32
CA GLN A 248 16.98 10.72 -4.92
C GLN A 248 16.30 12.07 -4.70
N THR A 249 15.40 12.43 -5.64
CA THR A 249 14.59 13.64 -5.54
C THR A 249 13.66 13.56 -4.33
N MET A 250 12.98 12.44 -4.15
CA MET A 250 12.10 12.25 -3.01
C MET A 250 12.86 12.39 -1.70
N SER A 251 14.05 11.82 -1.60
CA SER A 251 14.75 11.87 -0.33
C SER A 251 15.45 13.21 -0.05
N ASP A 252 16.04 13.83 -1.04
CA ASP A 252 16.71 15.06 -0.70
C ASP A 252 15.92 16.38 -0.93
N THR A 253 14.74 16.29 -1.53
CA THR A 253 13.89 17.48 -1.73
C THR A 253 12.48 17.30 -1.18
N THR A 254 11.74 16.38 -1.77
CA THR A 254 10.30 16.23 -1.48
C THR A 254 9.97 15.91 -0.03
N PHE A 255 10.70 14.96 0.55
CA PHE A 255 10.44 14.54 1.94
C PHE A 255 10.80 15.68 2.90
N LYS A 256 11.88 16.38 2.58
CA LYS A 256 12.38 17.46 3.42
C LYS A 256 11.41 18.61 3.51
N ALA A 257 10.56 18.73 2.50
CA ALA A 257 9.55 19.80 2.46
C ALA A 257 8.32 19.50 3.30
N LEU A 258 8.30 18.36 3.99
CA LEU A 258 7.08 18.03 4.72
C LEU A 258 7.27 18.44 6.19
N ARG A 259 8.11 17.71 6.90
CA ARG A 259 8.39 18.05 8.27
C ARG A 259 9.86 18.34 8.42
N ARG A 260 10.17 19.38 9.17
CA ARG A 260 11.55 19.66 9.55
C ARG A 260 12.08 18.62 10.54
N GLN A 261 13.41 18.54 10.65
CA GLN A 261 14.09 17.78 11.70
C GLN A 261 14.01 18.49 13.08
N LEU A 262 14.23 19.79 13.10
CA LEU A 262 14.08 20.62 14.30
C LEU A 262 13.42 21.93 13.89
N PRO A 263 12.76 22.64 14.83
CA PRO A 263 12.36 24.04 14.54
C PRO A 263 13.53 24.90 14.04
N VAL A 264 13.23 26.07 13.46
CA VAL A 264 14.27 26.95 12.91
C VAL A 264 15.29 27.35 13.99
N THR A 265 14.80 27.61 15.20
CA THR A 265 15.69 27.88 16.36
C THR A 265 16.60 26.70 16.71
N ARG A 266 16.47 25.61 15.96
CA ARG A 266 17.15 24.33 16.23
C ARG A 266 17.35 23.96 17.71
N THR A 267 16.27 24.12 18.48
CA THR A 267 16.14 23.53 19.79
C THR A 267 14.82 22.79 19.80
N LYS A 268 14.73 21.74 20.60
CA LYS A 268 13.46 21.11 20.85
C LYS A 268 12.52 22.08 21.56
N ILE A 269 11.23 21.78 21.51
CA ILE A 269 10.26 22.72 22.00
C ILE A 269 10.33 22.90 23.52
N ASP A 270 10.18 24.15 23.93
CA ASP A 270 9.98 24.51 25.31
C ASP A 270 8.46 24.54 25.53
N TRP A 271 7.95 23.47 26.13
CA TRP A 271 6.52 23.27 26.23
C TRP A 271 5.90 24.17 27.28
N ASN A 272 6.68 24.62 28.24
CA ASN A 272 6.21 25.63 29.19
C ASN A 272 5.95 26.95 28.49
N LYS A 273 6.84 27.33 27.59
CA LYS A 273 6.69 28.59 26.87
C LYS A 273 5.51 28.53 25.89
N ILE A 274 5.32 27.40 25.24
CA ILE A 274 4.14 27.22 24.38
C ILE A 274 2.84 27.41 25.18
N LEU A 275 2.81 26.87 26.40
CA LEU A 275 1.58 26.86 27.20
C LEU A 275 1.28 28.18 27.89
N SER A 276 2.21 29.13 27.81
CA SER A 276 1.99 30.41 28.48
C SER A 276 1.71 31.53 27.48
N SER B 2 -15.05 -13.72 15.53
CA SER B 2 -15.23 -12.31 15.06
C SER B 2 -14.09 -11.37 15.51
N ASP B 3 -13.34 -11.76 16.53
CA ASP B 3 -12.04 -11.13 16.72
C ASP B 3 -11.09 -11.71 15.70
N GLN B 4 -11.32 -12.97 15.32
CA GLN B 4 -10.49 -13.56 14.30
C GLN B 4 -10.86 -12.96 12.94
N GLN B 5 -12.14 -12.61 12.76
CA GLN B 5 -12.58 -11.80 11.61
C GLN B 5 -11.90 -10.44 11.58
N LEU B 6 -11.91 -9.73 12.71
CA LEU B 6 -11.26 -8.43 12.81
C LEU B 6 -9.77 -8.50 12.44
N ASP B 7 -9.05 -9.49 13.01
CA ASP B 7 -7.62 -9.68 12.69
C ASP B 7 -7.37 -9.91 11.18
N CYS B 8 -8.20 -10.74 10.54
CA CYS B 8 -8.16 -10.95 9.08
C CYS B 8 -8.37 -9.68 8.27
N ALA B 9 -9.33 -8.86 8.70
CA ALA B 9 -9.59 -7.58 8.05
C ALA B 9 -8.43 -6.64 8.20
N LEU B 10 -7.85 -6.60 9.38
CA LEU B 10 -6.69 -5.74 9.62
C LEU B 10 -5.48 -6.28 8.90
N ASP B 11 -5.37 -7.60 8.78
CA ASP B 11 -4.31 -8.22 7.97
C ASP B 11 -4.47 -7.83 6.49
N LEU B 12 -5.71 -7.79 6.02
CA LEU B 12 -6.04 -7.39 4.68
C LEU B 12 -5.58 -5.95 4.37
N MET B 13 -5.88 -5.03 5.29
CA MET B 13 -5.51 -3.62 5.12
C MET B 13 -4.01 -3.41 5.14
N ARG B 14 -3.29 -4.35 5.75
CA ARG B 14 -1.83 -4.34 5.72
C ARG B 14 -1.20 -4.78 4.40
N ARG B 15 -2.01 -5.40 3.55
CA ARG B 15 -1.49 -5.94 2.29
C ARG B 15 -2.05 -5.24 1.05
N LEU B 16 -3.30 -4.77 1.11
CA LEU B 16 -3.91 -4.11 -0.05
C LEU B 16 -3.20 -2.77 -0.28
N PRO B 17 -2.98 -2.39 -1.56
CA PRO B 17 -2.32 -1.11 -1.85
C PRO B 17 -2.93 0.03 -1.01
N PRO B 18 -2.07 0.71 -0.24
CA PRO B 18 -2.43 1.87 0.58
C PRO B 18 -2.87 3.08 -0.27
N GLN B 19 -2.57 3.06 -1.56
CA GLN B 19 -3.02 4.04 -2.53
C GLN B 19 -4.56 4.00 -2.67
N GLN B 20 -5.17 2.97 -2.09
CA GLN B 20 -6.61 2.75 -2.22
C GLN B 20 -7.28 2.52 -0.84
N ILE B 21 -6.70 3.05 0.23
CA ILE B 21 -7.22 2.78 1.60
C ILE B 21 -8.70 3.04 1.72
N GLU B 22 -9.14 4.22 1.32
CA GLU B 22 -10.56 4.54 1.54
C GLU B 22 -11.50 3.59 0.84
N LYS B 23 -11.24 3.31 -0.42
CA LYS B 23 -12.09 2.41 -1.19
C LYS B 23 -12.05 0.98 -0.65
N ASN B 24 -10.87 0.55 -0.20
CA ASN B 24 -10.75 -0.77 0.34
C ASN B 24 -11.46 -0.92 1.69
N LEU B 25 -11.39 0.12 2.50
CA LEU B 25 -12.14 0.20 3.73
C LEU B 25 -13.66 0.16 3.51
N SER B 26 -14.17 0.94 2.55
CA SER B 26 -15.60 0.84 2.27
C SER B 26 -16.00 -0.53 1.69
N ASP B 27 -15.15 -1.12 0.84
CA ASP B 27 -15.43 -2.46 0.31
C ASP B 27 -15.44 -3.52 1.43
N LEU B 28 -14.47 -3.42 2.32
CA LEU B 28 -14.28 -4.35 3.42
C LEU B 28 -15.48 -4.32 4.37
N ILE B 29 -15.99 -3.13 4.65
CA ILE B 29 -17.19 -2.98 5.49
C ILE B 29 -18.43 -3.51 4.80
N ASP B 30 -18.52 -3.32 3.48
CA ASP B 30 -19.61 -3.92 2.70
C ASP B 30 -19.54 -5.42 2.82
N LEU B 31 -18.32 -5.95 2.78
CA LEU B 31 -18.08 -7.38 2.86
C LEU B 31 -18.46 -7.95 4.23
N VAL B 32 -18.06 -7.26 5.30
CA VAL B 32 -18.39 -7.71 6.68
C VAL B 32 -19.01 -6.55 7.48
N PRO B 33 -20.32 -6.33 7.32
CA PRO B 33 -21.04 -5.19 7.91
C PRO B 33 -20.98 -5.14 9.45
N SER B 34 -20.94 -6.31 10.09
CA SER B 34 -20.85 -6.38 11.56
C SER B 34 -19.54 -5.84 12.11
N LEU B 35 -18.53 -5.67 11.25
CA LEU B 35 -17.25 -5.14 11.67
C LEU B 35 -17.15 -3.62 11.55
N CYS B 36 -18.20 -2.98 11.03
CA CYS B 36 -18.17 -1.55 10.71
C CYS B 36 -17.54 -0.70 11.81
N GLU B 37 -18.11 -0.78 13.01
CA GLU B 37 -17.67 0.01 14.16
C GLU B 37 -16.20 -0.21 14.50
N ASP B 38 -15.77 -1.47 14.65
CA ASP B 38 -14.34 -1.78 14.96
C ASP B 38 -13.36 -1.37 13.84
N LEU B 39 -13.77 -1.57 12.59
CA LEU B 39 -12.98 -1.13 11.43
C LEU B 39 -12.79 0.38 11.38
N LEU B 40 -13.89 1.13 11.58
CA LEU B 40 -13.82 2.58 11.57
C LEU B 40 -12.90 3.13 12.65
N SER B 41 -12.86 2.45 13.79
CA SER B 41 -12.01 2.87 14.90
C SER B 41 -10.54 2.47 14.75
N SER B 42 -10.28 1.35 14.11
CA SER B 42 -8.91 0.84 14.03
C SER B 42 -8.22 0.97 12.68
N VAL B 43 -8.94 1.37 11.64
CA VAL B 43 -8.29 1.57 10.35
C VAL B 43 -8.01 3.05 10.11
N ASP B 44 -6.74 3.40 10.07
CA ASP B 44 -6.35 4.76 9.75
C ASP B 44 -6.58 5.12 8.27
N GLN B 45 -7.03 6.34 8.02
CA GLN B 45 -7.22 6.83 6.66
C GLN B 45 -6.53 8.18 6.41
N PRO B 46 -6.23 8.49 5.15
CA PRO B 46 -5.77 9.85 4.92
C PRO B 46 -6.74 10.86 5.57
N LEU B 47 -6.17 11.97 6.05
CA LEU B 47 -6.96 12.93 6.81
C LEU B 47 -7.65 13.89 5.85
N LYS B 48 -8.92 14.16 6.10
CA LYS B 48 -9.68 15.06 5.29
C LYS B 48 -9.78 16.40 6.01
N ILE B 49 -9.83 17.46 5.20
CA ILE B 49 -9.93 18.83 5.71
C ILE B 49 -11.35 19.34 5.53
N ALA B 50 -11.83 20.11 6.52
CA ALA B 50 -13.15 20.70 6.54
C ALA B 50 -13.02 22.12 7.06
N ARG B 51 -13.99 22.96 6.73
CA ARG B 51 -14.00 24.31 7.22
C ARG B 51 -15.10 24.51 8.26
N ASP B 52 -14.73 25.12 9.37
CA ASP B 52 -15.65 25.56 10.39
C ASP B 52 -16.04 27.00 10.04
N LYS B 53 -17.27 27.19 9.54
CA LYS B 53 -17.66 28.49 8.97
C LYS B 53 -17.91 29.56 10.05
N VAL B 54 -18.23 29.13 11.27
CA VAL B 54 -18.59 30.09 12.33
C VAL B 54 -17.34 30.71 12.97
N VAL B 55 -16.20 30.08 12.76
CA VAL B 55 -14.93 30.55 13.31
C VAL B 55 -13.92 30.91 12.21
N GLY B 56 -14.11 30.31 11.03
CA GLY B 56 -13.22 30.55 9.90
C GLY B 56 -11.85 29.94 10.13
N LYS B 57 -11.84 28.64 10.44
CA LYS B 57 -10.61 27.86 10.56
C LYS B 57 -10.86 26.48 10.01
N ASP B 58 -9.81 25.86 9.50
CA ASP B 58 -9.88 24.48 9.08
C ASP B 58 -9.72 23.51 10.25
N TYR B 59 -10.27 22.31 10.08
CA TYR B 59 -10.08 21.23 11.03
C TYR B 59 -10.03 19.89 10.31
N LEU B 60 -9.45 18.89 10.98
CA LEU B 60 -9.23 17.59 10.39
C LEU B 60 -10.30 16.57 10.79
N LEU B 61 -10.62 15.68 9.85
CA LEU B 61 -11.67 14.70 10.04
C LEU B 61 -11.09 13.33 10.30
N CYS B 62 -11.66 12.62 11.28
CA CYS B 62 -11.33 11.22 11.50
C CYS B 62 -12.46 10.57 12.30
N ASP B 63 -12.33 9.28 12.57
CA ASP B 63 -13.39 8.60 13.32
C ASP B 63 -13.55 9.15 14.74
N TYR B 64 -12.48 9.71 15.31
CA TYR B 64 -12.52 10.21 16.70
C TYR B 64 -13.27 11.55 16.93
N ASN B 65 -13.52 12.30 15.86
CA ASN B 65 -14.48 13.42 15.95
C ASN B 65 -15.78 13.18 15.20
N ARG B 66 -16.07 11.94 14.91
CA ARG B 66 -17.28 11.65 14.16
C ARG B 66 -18.40 11.23 15.07
N ASP B 67 -19.62 11.60 14.71
CA ASP B 67 -20.80 10.97 15.28
C ASP B 67 -21.91 11.00 14.24
N GLY B 68 -22.62 9.89 14.12
CA GLY B 68 -23.51 9.69 12.97
C GLY B 68 -22.71 9.90 11.69
N ASP B 69 -23.13 10.86 10.88
CA ASP B 69 -22.39 11.26 9.68
C ASP B 69 -21.87 12.69 9.79
N SER B 70 -21.81 13.20 11.02
CA SER B 70 -21.37 14.56 11.33
C SER B 70 -19.98 14.55 11.96
N TYR B 71 -19.30 15.70 11.90
CA TYR B 71 -17.97 15.86 12.52
C TYR B 71 -17.92 17.10 13.41
N ARG B 72 -17.27 16.96 14.57
CA ARG B 72 -17.16 18.04 15.53
C ARG B 72 -15.94 18.89 15.23
N SER B 73 -16.10 20.21 15.25
CA SER B 73 -14.93 21.09 15.10
C SER B 73 -14.29 21.37 16.45
N PRO B 74 -12.94 21.46 16.50
CA PRO B 74 -12.34 21.72 17.80
C PRO B 74 -12.46 23.20 18.19
N TRP B 75 -12.71 24.06 17.19
CA TRP B 75 -12.74 25.49 17.42
C TRP B 75 -14.06 25.86 18.03
N SER B 76 -15.15 25.51 17.34
CA SER B 76 -16.48 25.91 17.78
C SER B 76 -17.18 24.89 18.68
N ASN B 77 -16.58 23.71 18.79
CA ASN B 77 -17.19 22.60 19.56
C ASN B 77 -18.59 22.23 19.06
N LYS B 78 -18.80 22.31 17.74
CA LYS B 78 -20.10 22.03 17.12
C LYS B 78 -20.03 20.99 16.02
N TYR B 79 -21.02 20.09 15.99
CA TYR B 79 -21.11 19.10 14.93
C TYR B 79 -21.56 19.72 13.60
N ASP B 80 -21.10 19.14 12.48
CA ASP B 80 -21.54 19.56 11.14
C ASP B 80 -21.69 18.37 10.16
N PRO B 81 -22.90 18.14 9.60
CA PRO B 81 -24.17 18.83 9.84
C PRO B 81 -24.45 18.86 11.33
N PRO B 82 -25.33 19.77 11.78
CA PRO B 82 -25.59 19.81 13.21
C PRO B 82 -26.10 18.45 13.71
N LEU B 83 -25.88 18.20 15.00
CA LEU B 83 -26.45 17.01 15.64
C LEU B 83 -27.23 17.38 16.90
N GLU B 84 -28.37 16.73 17.08
CA GLU B 84 -29.13 16.83 18.33
C GLU B 84 -28.22 16.31 19.46
N ASP B 85 -27.89 15.03 19.42
CA ASP B 85 -27.16 14.43 20.52
C ASP B 85 -25.93 13.66 20.03
N GLY B 86 -24.79 14.35 20.02
CA GLY B 86 -23.54 13.77 19.58
C GLY B 86 -22.59 13.73 20.75
N ALA B 87 -21.64 12.80 20.74
CA ALA B 87 -20.73 12.64 21.85
C ALA B 87 -19.93 13.94 22.02
N MET B 88 -19.85 14.40 23.26
CA MET B 88 -19.17 15.65 23.60
C MET B 88 -18.18 15.41 24.75
N PRO B 89 -17.07 16.17 24.78
CA PRO B 89 -16.22 16.09 25.98
C PRO B 89 -16.88 16.75 27.17
N SER B 90 -16.57 16.27 28.38
CA SER B 90 -17.02 16.93 29.61
C SER B 90 -16.50 18.36 29.61
N ALA B 91 -17.17 19.23 30.37
CA ALA B 91 -16.84 20.66 30.36
C ALA B 91 -15.39 20.91 30.77
N ARG B 92 -14.93 20.16 31.77
CA ARG B 92 -13.54 20.20 32.21
C ARG B 92 -12.62 19.74 31.09
N LEU B 93 -13.01 18.68 30.40
CA LEU B 93 -12.15 18.15 29.34
C LEU B 93 -12.16 19.03 28.08
N ARG B 94 -13.29 19.69 27.82
CA ARG B 94 -13.36 20.61 26.69
C ARG B 94 -12.33 21.73 26.86
N LYS B 95 -12.20 22.20 28.10
CA LYS B 95 -11.22 23.21 28.47
C LYS B 95 -9.79 22.76 28.15
N LEU B 96 -9.44 21.55 28.56
CA LEU B 96 -8.15 21.01 28.21
C LEU B 96 -8.00 20.82 26.69
N GLU B 97 -9.08 20.42 26.01
CA GLU B 97 -9.07 20.25 24.56
C GLU B 97 -8.74 21.54 23.83
N VAL B 98 -9.29 22.66 24.33
CA VAL B 98 -8.98 24.00 23.80
C VAL B 98 -7.50 24.32 23.98
N GLU B 99 -6.97 24.19 25.21
CA GLU B 99 -5.54 24.44 25.40
C GLU B 99 -4.67 23.55 24.49
N ALA B 100 -5.07 22.28 24.35
CA ALA B 100 -4.30 21.31 23.59
C ALA B 100 -4.28 21.66 22.09
N ASN B 101 -5.43 22.02 21.53
CA ASN B 101 -5.50 22.56 20.17
C ASN B 101 -4.58 23.74 19.92
N ASN B 102 -4.61 24.72 20.83
CA ASN B 102 -3.74 25.88 20.72
C ASN B 102 -2.27 25.46 20.79
N ALA B 103 -1.93 24.61 21.77
CA ALA B 103 -0.56 24.10 21.92
C ALA B 103 -0.04 23.39 20.67
N PHE B 104 -0.87 22.53 20.07
CA PHE B 104 -0.40 21.73 18.96
C PHE B 104 -0.43 22.47 17.65
N ASP B 105 -1.23 23.53 17.60
CA ASP B 105 -1.17 24.53 16.54
C ASP B 105 0.26 25.12 16.48
N GLN B 106 0.82 25.44 17.65
CA GLN B 106 2.16 26.03 17.70
C GLN B 106 3.21 25.00 17.32
N TYR B 107 3.09 23.82 17.93
CA TYR B 107 3.93 22.67 17.58
C TYR B 107 3.98 22.45 16.05
N ARG B 108 2.82 22.49 15.39
CA ARG B 108 2.71 22.30 13.95
C ARG B 108 3.44 23.39 13.18
N ASP B 109 3.25 24.65 13.58
CA ASP B 109 3.97 25.75 12.97
C ASP B 109 5.48 25.56 13.09
N LEU B 110 5.95 25.20 14.28
CA LEU B 110 7.38 25.06 14.51
C LEU B 110 8.03 23.89 13.77
N TYR B 111 7.33 22.75 13.63
CA TYR B 111 7.88 21.59 12.92
C TYR B 111 7.49 21.46 11.44
N PHE B 112 6.36 22.03 11.07
CA PHE B 112 5.79 21.84 9.75
C PHE B 112 5.72 23.14 8.91
N GLU B 113 5.68 24.30 9.58
CA GLU B 113 5.66 25.62 8.94
C GLU B 113 4.50 25.73 7.94
N GLY B 114 3.37 25.15 8.31
CA GLY B 114 2.20 25.08 7.45
C GLY B 114 1.33 23.89 7.82
N GLY B 115 0.53 23.44 6.86
CA GLY B 115 -0.39 22.35 7.09
C GLY B 115 -1.45 22.73 8.10
N VAL B 116 -2.18 21.73 8.59
CA VAL B 116 -3.31 21.91 9.49
C VAL B 116 -3.23 20.90 10.64
N SER B 117 -3.67 21.29 11.83
CA SER B 117 -3.71 20.38 12.97
C SER B 117 -5.03 20.45 13.72
N SER B 118 -5.41 19.34 14.37
CA SER B 118 -6.57 19.30 15.23
C SER B 118 -6.35 18.31 16.36
N VAL B 119 -7.01 18.59 17.49
CA VAL B 119 -6.90 17.74 18.68
C VAL B 119 -8.30 17.40 19.19
N TYR B 120 -8.59 16.13 19.37
CA TYR B 120 -9.87 15.77 19.95
C TYR B 120 -9.67 14.94 21.21
N LEU B 121 -10.34 15.32 22.28
CA LEU B 121 -10.23 14.56 23.52
C LEU B 121 -11.54 13.84 23.87
N TRP B 122 -11.46 12.76 24.64
CA TRP B 122 -12.67 12.12 25.16
C TRP B 122 -12.45 11.47 26.52
N ASP B 123 -13.49 11.50 27.36
CA ASP B 123 -13.41 11.08 28.74
C ASP B 123 -13.33 9.56 28.82
N LEU B 124 -12.51 9.07 29.74
CA LEU B 124 -12.55 7.66 30.08
C LEU B 124 -12.94 7.52 31.55
N ASP B 125 -13.27 6.29 31.95
CA ASP B 125 -13.58 5.96 33.35
C ASP B 125 -12.63 6.57 34.37
N HIS B 126 -11.32 6.42 34.15
CA HIS B 126 -10.31 6.87 35.13
C HIS B 126 -9.16 7.61 34.46
N GLY B 127 -9.52 8.28 33.37
CA GLY B 127 -8.61 9.21 32.73
C GLY B 127 -9.26 9.79 31.50
N PHE B 128 -8.43 10.04 30.50
CA PHE B 128 -8.95 10.56 29.27
C PHE B 128 -8.04 10.16 28.14
N ALA B 129 -8.59 10.26 26.94
CA ALA B 129 -7.82 9.97 25.76
C ALA B 129 -7.93 11.12 24.79
N GLY B 130 -7.07 11.09 23.79
CA GLY B 130 -7.11 12.09 22.75
C GLY B 130 -6.42 11.67 21.49
N VAL B 131 -6.75 12.38 20.41
CA VAL B 131 -6.05 12.21 19.16
C VAL B 131 -5.47 13.57 18.74
N ILE B 132 -4.19 13.58 18.39
CA ILE B 132 -3.51 14.71 17.72
C ILE B 132 -3.30 14.40 16.20
N LEU B 133 -3.96 15.22 15.38
CA LEU B 133 -3.93 15.10 13.90
C LEU B 133 -3.13 16.23 13.27
N ILE B 134 -2.29 15.88 12.29
CA ILE B 134 -1.54 16.86 11.50
C ILE B 134 -1.49 16.42 10.05
N LYS B 135 -1.83 17.37 9.18
CA LYS B 135 -1.80 17.16 7.75
C LYS B 135 -0.96 18.27 7.13
N LYS B 136 0.04 17.86 6.37
CA LYS B 136 0.94 18.79 5.69
C LYS B 136 1.19 18.24 4.30
N ALA B 137 0.80 19.00 3.29
CA ALA B 137 1.15 18.72 1.90
C ALA B 137 2.34 19.59 1.51
N GLY B 138 3.22 19.03 0.67
CA GLY B 138 4.41 19.76 0.25
C GLY B 138 3.99 20.51 -0.98
N ASP B 139 4.97 20.98 -1.75
CA ASP B 139 4.65 21.61 -3.02
C ASP B 139 4.10 20.57 -3.99
N GLY B 140 2.80 20.69 -4.25
CA GLY B 140 2.08 19.89 -5.24
C GLY B 140 2.22 20.36 -6.69
N SER B 141 3.11 21.31 -6.95
CA SER B 141 3.26 21.86 -8.31
C SER B 141 4.39 21.23 -9.11
N LYS B 142 5.26 20.51 -8.41
CA LYS B 142 6.46 19.92 -9.00
C LYS B 142 6.21 18.55 -9.61
N LYS B 143 7.20 18.04 -10.33
CA LYS B 143 7.14 16.69 -10.88
C LYS B 143 6.84 15.65 -9.79
N ILE B 144 7.51 15.76 -8.63
CA ILE B 144 7.16 14.94 -7.45
C ILE B 144 6.53 15.73 -6.27
N LYS B 145 5.44 15.23 -5.74
CA LYS B 145 4.79 15.89 -4.62
C LYS B 145 4.65 14.88 -3.48
N GLY B 146 4.50 15.39 -2.27
CA GLY B 146 4.38 14.58 -1.09
C GLY B 146 3.30 15.08 -0.17
N CYS B 147 2.85 14.21 0.75
CA CYS B 147 1.91 14.57 1.82
C CYS B 147 2.20 13.72 3.05
N TRP B 148 1.87 14.26 4.22
CA TRP B 148 2.21 13.69 5.51
C TRP B 148 0.97 13.77 6.35
N ASP B 149 0.50 12.63 6.86
CA ASP B 149 -0.55 12.60 7.89
C ASP B 149 -0.02 12.01 9.18
N SER B 150 -0.11 12.78 10.27
CA SER B 150 0.10 12.27 11.64
C SER B 150 -1.22 11.95 12.30
N ILE B 151 -1.27 10.78 12.93
CA ILE B 151 -2.37 10.36 13.80
C ILE B 151 -1.78 9.83 15.10
N HIS B 152 -1.86 10.63 16.16
CA HIS B 152 -1.30 10.26 17.47
C HIS B 152 -2.44 10.07 18.43
N VAL B 153 -2.62 8.85 18.87
CA VAL B 153 -3.67 8.55 19.82
C VAL B 153 -3.01 8.31 21.17
N VAL B 154 -3.39 9.11 22.16
CA VAL B 154 -2.85 8.98 23.48
C VAL B 154 -3.94 8.58 24.50
N GLU B 155 -3.60 7.65 25.39
CA GLU B 155 -4.43 7.25 26.50
C GLU B 155 -3.72 7.64 27.79
N VAL B 156 -4.44 8.35 28.65
CA VAL B 156 -3.91 8.90 29.89
C VAL B 156 -4.63 8.31 31.12
N GLN B 157 -3.88 7.64 31.98
CA GLN B 157 -4.41 7.17 33.24
C GLN B 157 -3.80 7.92 34.40
N GLU B 158 -4.58 8.78 35.03
CA GLU B 158 -4.14 9.51 36.23
C GLU B 158 -4.05 8.55 37.41
N LYS B 159 -2.95 8.61 38.16
CA LYS B 159 -2.87 7.94 39.46
C LYS B 159 -3.67 8.70 40.52
N SER B 160 -4.16 7.95 41.50
CA SER B 160 -4.96 8.50 42.60
C SER B 160 -4.36 9.75 43.28
N SER B 161 -3.06 9.73 43.54
CA SER B 161 -2.38 10.87 44.17
C SER B 161 -2.45 12.13 43.29
N GLY B 162 -2.70 11.93 41.99
CA GLY B 162 -2.72 13.01 41.00
C GLY B 162 -1.33 13.58 40.70
N ARG B 163 -0.29 12.87 41.14
CA ARG B 163 1.11 13.35 40.97
C ARG B 163 1.89 12.69 39.85
N THR B 164 1.39 11.55 39.34
CA THR B 164 1.96 10.87 38.18
C THR B 164 0.81 10.40 37.32
N ALA B 165 1.07 10.17 36.04
CA ALA B 165 0.10 9.53 35.20
C ALA B 165 0.80 8.59 34.24
N HIS B 166 0.07 7.61 33.77
CA HIS B 166 0.61 6.69 32.79
C HIS B 166 0.05 7.09 31.43
N TYR B 167 0.97 7.23 30.48
CA TYR B 167 0.67 7.71 29.13
C TYR B 167 0.98 6.61 28.12
N LYS B 168 0.03 6.35 27.24
CA LYS B 168 0.17 5.34 26.22
C LYS B 168 -0.04 5.99 24.84
N LEU B 169 0.97 5.97 24.00
CA LEU B 169 0.90 6.59 22.68
C LEU B 169 0.94 5.56 21.55
N THR B 170 -0.03 5.61 20.65
CA THR B 170 0.03 4.85 19.43
C THR B 170 -0.01 5.87 18.30
N SER B 171 1.08 5.95 17.53
CA SER B 171 1.22 6.92 16.44
C SER B 171 1.35 6.30 15.07
N THR B 172 0.52 6.80 14.18
CA THR B 172 0.58 6.48 12.78
C THR B 172 1.02 7.72 11.99
N VAL B 173 2.08 7.56 11.20
CA VAL B 173 2.38 8.55 10.19
C VAL B 173 2.18 7.94 8.81
N MET B 174 1.37 8.61 8.00
CA MET B 174 1.18 8.17 6.64
C MET B 174 1.98 9.12 5.77
N LEU B 175 2.75 8.54 4.85
CA LEU B 175 3.61 9.31 3.98
C LEU B 175 3.35 8.94 2.52
N TRP B 176 3.06 9.93 1.70
CA TRP B 176 2.60 9.73 0.35
C TRP B 176 3.49 10.54 -0.57
N LEU B 177 4.16 9.89 -1.51
CA LEU B 177 4.97 10.61 -2.49
C LEU B 177 4.58 10.13 -3.85
N GLN B 178 4.45 11.04 -4.80
CA GLN B 178 4.12 10.58 -6.12
C GLN B 178 4.51 11.54 -7.21
N THR B 179 4.64 10.94 -8.37
CA THR B 179 4.81 11.65 -9.59
C THR B 179 3.46 12.33 -10.00
N ASN B 180 3.54 13.58 -10.46
CA ASN B 180 2.36 14.30 -11.00
C ASN B 180 1.93 13.76 -12.36
N LYS B 181 2.89 13.22 -13.11
CA LYS B 181 2.56 12.44 -14.29
C LYS B 181 1.67 11.24 -13.92
N THR B 182 0.74 10.94 -14.82
CA THR B 182 0.00 9.69 -14.86
C THR B 182 -0.01 9.32 -16.37
N GLY B 183 -0.28 8.08 -16.75
CA GLY B 183 0.05 6.90 -15.99
C GLY B 183 1.48 6.62 -16.43
N SER B 184 1.70 6.42 -17.74
CA SER B 184 3.03 6.02 -18.19
C SER B 184 4.14 6.86 -17.57
N GLY B 185 5.03 6.21 -16.81
CA GLY B 185 6.09 6.88 -16.05
C GLY B 185 5.64 7.24 -14.64
N THR B 186 4.39 6.89 -14.32
CA THR B 186 3.86 7.12 -12.99
C THR B 186 4.62 6.32 -11.95
N MET B 187 4.80 6.93 -10.79
CA MET B 187 5.46 6.29 -9.70
C MET B 187 4.83 6.80 -8.45
N ASN B 188 4.44 5.86 -7.59
CA ASN B 188 3.74 6.21 -6.37
C ASN B 188 4.31 5.40 -5.20
N LEU B 189 4.86 6.09 -4.20
CA LEU B 189 5.46 5.48 -3.01
C LEU B 189 4.72 6.01 -1.79
N GLY B 190 3.92 5.17 -1.16
CA GLY B 190 2.94 5.66 -0.20
C GLY B 190 2.65 4.60 0.83
N GLY B 191 2.06 5.01 1.94
CA GLY B 191 1.66 4.09 2.98
C GLY B 191 1.86 4.71 4.34
N SER B 192 2.06 3.87 5.34
CA SER B 192 2.14 4.33 6.72
C SER B 192 2.96 3.42 7.59
N LEU B 193 3.49 3.99 8.66
CA LEU B 193 4.11 3.22 9.73
C LEU B 193 3.39 3.52 11.03
N THR B 194 3.30 2.53 11.90
CA THR B 194 2.71 2.71 13.21
C THR B 194 3.67 2.25 14.29
N ARG B 195 3.76 3.05 15.35
CA ARG B 195 4.64 2.80 16.49
C ARG B 195 3.92 3.07 17.82
N GLN B 196 4.43 2.46 18.90
CA GLN B 196 3.90 2.60 20.24
C GLN B 196 4.97 3.10 21.21
N MET B 197 4.58 3.97 22.17
CA MET B 197 5.43 4.44 23.30
C MET B 197 4.56 4.44 24.59
N GLU B 198 5.15 4.05 25.71
CA GLU B 198 4.49 4.16 27.00
C GLU B 198 5.44 4.82 27.99
N LYS B 199 4.89 5.52 28.98
CA LYS B 199 5.71 6.30 29.92
C LYS B 199 4.89 6.76 31.13
N ASP B 200 5.47 6.63 32.31
CA ASP B 200 4.95 7.25 33.51
C ASP B 200 5.62 8.60 33.63
N GLU B 201 4.86 9.60 34.08
CA GLU B 201 5.34 10.98 34.14
C GLU B 201 4.74 11.73 35.32
N THR B 202 5.57 12.55 35.96
CA THR B 202 5.13 13.51 36.96
C THR B 202 4.09 14.43 36.35
N VAL B 203 3.02 14.69 37.11
CA VAL B 203 1.97 15.61 36.73
C VAL B 203 1.92 16.71 37.78
N SER B 204 2.21 17.94 37.37
CA SER B 204 2.27 19.11 38.29
C SER B 204 2.12 20.42 37.51
N ASP B 205 1.99 21.52 38.25
CA ASP B 205 1.85 22.86 37.67
C ASP B 205 2.92 23.19 36.62
N SER B 206 4.11 22.60 36.79
CA SER B 206 5.21 22.81 35.86
C SER B 206 5.36 21.67 34.84
N SER B 207 4.67 20.57 35.06
CA SER B 207 4.63 19.51 34.07
C SER B 207 3.20 19.01 33.90
N PRO B 208 2.32 19.83 33.31
CA PRO B 208 0.92 19.43 33.12
C PRO B 208 0.76 18.41 31.98
N HIS B 209 -0.45 17.88 31.84
CA HIS B 209 -0.77 16.89 30.82
C HIS B 209 -0.32 17.21 29.41
N ILE B 210 -0.61 18.44 28.95
CA ILE B 210 -0.31 18.80 27.57
C ILE B 210 1.19 18.83 27.34
N ALA B 211 1.93 19.29 28.34
CA ALA B 211 3.38 19.32 28.23
C ALA B 211 3.94 17.89 28.15
N ASN B 212 3.43 17.00 29.00
CA ASN B 212 3.91 15.62 29.00
C ASN B 212 3.54 14.93 27.70
N ILE B 213 2.32 15.18 27.21
CA ILE B 213 1.84 14.64 25.93
C ILE B 213 2.60 15.25 24.74
N GLY B 214 2.80 16.57 24.80
CA GLY B 214 3.58 17.30 23.79
C GLY B 214 4.96 16.69 23.60
N ARG B 215 5.64 16.43 24.70
CA ARG B 215 6.97 15.83 24.65
C ARG B 215 6.95 14.43 24.04
N LEU B 216 5.97 13.60 24.42
CA LEU B 216 5.88 12.25 23.86
C LEU B 216 5.62 12.29 22.36
N VAL B 217 4.71 13.15 21.93
CA VAL B 217 4.39 13.32 20.50
C VAL B 217 5.63 13.83 19.74
N GLU B 218 6.29 14.83 20.30
CA GLU B 218 7.50 15.37 19.69
C GLU B 218 8.59 14.30 19.56
N ASP B 219 8.83 13.53 20.64
CA ASP B 219 9.83 12.46 20.61
C ASP B 219 9.44 11.46 19.54
N MET B 220 8.20 11.00 19.61
CA MET B 220 7.72 10.02 18.66
C MET B 220 7.91 10.48 17.20
N GLU B 221 7.47 11.71 16.89
CA GLU B 221 7.52 12.23 15.53
C GLU B 221 8.92 12.39 15.02
N ASN B 222 9.82 12.89 15.86
CA ASN B 222 11.25 12.99 15.50
C ASN B 222 11.90 11.65 15.16
N LYS B 223 11.48 10.61 15.88
CA LYS B 223 11.96 9.25 15.66
C LYS B 223 11.35 8.67 14.39
N ILE B 224 10.04 8.83 14.22
CA ILE B 224 9.36 8.26 13.07
C ILE B 224 9.85 8.95 11.75
N ARG B 225 10.16 10.25 11.81
CA ARG B 225 10.67 10.96 10.61
C ARG B 225 11.94 10.30 10.09
N SER B 226 12.81 9.95 11.02
CA SER B 226 14.06 9.27 10.71
C SER B 226 13.80 7.87 10.16
N THR B 227 12.86 7.17 10.79
CA THR B 227 12.49 5.82 10.42
C THR B 227 11.86 5.79 9.02
N LEU B 228 11.00 6.77 8.74
CA LEU B 228 10.42 6.92 7.41
C LEU B 228 11.48 7.11 6.34
N ASN B 229 12.42 8.01 6.61
CA ASN B 229 13.54 8.22 5.72
C ASN B 229 14.27 6.90 5.40
N GLU B 230 14.55 6.12 6.44
CA GLU B 230 15.30 4.86 6.31
C GLU B 230 14.50 3.83 5.53
N ILE B 231 13.22 3.69 5.86
CA ILE B 231 12.35 2.68 5.23
C ILE B 231 12.00 3.05 3.79
N TYR B 232 11.53 4.26 3.58
CA TYR B 232 11.09 4.70 2.26
C TYR B 232 12.29 4.78 1.32
N PHE B 233 13.32 5.53 1.70
CA PHE B 233 14.37 5.90 0.76
C PHE B 233 15.58 5.00 0.82
N GLY B 234 15.69 4.22 1.89
CA GLY B 234 16.74 3.20 1.98
C GLY B 234 16.20 1.81 1.65
N LYS B 235 15.31 1.31 2.49
CA LYS B 235 14.84 -0.09 2.37
C LYS B 235 14.10 -0.43 1.07
N THR B 236 13.01 0.28 0.76
CA THR B 236 12.28 -0.03 -0.48
C THR B 236 13.20 0.15 -1.68
N LYS B 237 14.12 1.10 -1.61
CA LYS B 237 15.09 1.32 -2.70
C LYS B 237 16.09 0.15 -2.88
N ASP B 238 16.56 -0.43 -1.79
CA ASP B 238 17.45 -1.61 -1.85
C ASP B 238 16.69 -2.84 -2.33
N ILE B 239 15.40 -2.90 -2.03
CA ILE B 239 14.60 -4.00 -2.57
C ILE B 239 14.55 -3.86 -4.10
N VAL B 240 14.14 -2.68 -4.58
CA VAL B 240 14.12 -2.35 -6.00
C VAL B 240 15.45 -2.72 -6.67
N ASN B 241 16.54 -2.27 -6.06
CA ASN B 241 17.89 -2.51 -6.57
C ASN B 241 18.21 -4.00 -6.67
N GLY B 242 17.52 -4.80 -5.85
CA GLY B 242 17.78 -6.24 -5.78
C GLY B 242 16.88 -7.06 -6.68
N LEU B 243 15.95 -6.41 -7.36
CA LEU B 243 15.04 -7.09 -8.29
C LEU B 243 15.76 -7.34 -9.61
N PHE C 10 -9.51 -27.87 -2.79
CA PHE C 10 -10.13 -26.51 -2.76
C PHE C 10 -11.62 -26.58 -2.39
N ILE C 11 -12.11 -25.61 -1.60
CA ILE C 11 -11.33 -24.50 -1.08
C ILE C 11 -10.86 -24.81 0.34
N SER C 12 -9.58 -24.54 0.64
CA SER C 12 -9.00 -24.76 1.97
C SER C 12 -7.97 -23.67 2.27
N GLU C 13 -7.70 -23.42 3.55
CA GLU C 13 -6.72 -22.41 3.93
C GLU C 13 -5.30 -22.78 3.46
N LEU C 14 -4.65 -21.81 2.83
CA LEU C 14 -3.36 -22.00 2.13
C LEU C 14 -2.16 -21.66 3.04
N PRO C 15 -0.99 -22.26 2.75
CA PRO C 15 0.20 -22.09 3.59
C PRO C 15 0.84 -20.70 3.57
N SER C 16 1.54 -20.35 4.65
CA SER C 16 2.22 -19.08 4.77
C SER C 16 3.65 -19.28 5.28
N GLU C 17 4.61 -18.61 4.63
CA GLU C 17 6.00 -18.68 5.07
C GLU C 17 6.39 -17.55 6.02
N GLU C 18 5.41 -16.77 6.47
CA GLU C 18 5.67 -15.61 7.33
C GLU C 18 6.06 -15.94 8.78
N GLY C 19 5.70 -17.14 9.24
CA GLY C 19 6.08 -17.62 10.59
C GLY C 19 5.20 -17.14 11.74
N LYS C 20 4.76 -15.89 11.66
CA LYS C 20 4.04 -15.25 12.77
C LYS C 20 2.95 -14.34 12.22
N LYS C 21 1.89 -14.18 13.00
CA LYS C 21 0.84 -13.25 12.65
C LYS C 21 1.37 -11.83 12.66
N LEU C 22 0.82 -10.95 11.82
CA LEU C 22 1.10 -9.53 11.97
C LEU C 22 0.42 -9.05 13.24
N GLU C 23 1.04 -8.16 13.99
CA GLU C 23 0.33 -7.54 15.11
C GLU C 23 -0.34 -6.21 14.69
N HIS C 24 -1.51 -5.96 15.25
CA HIS C 24 -2.31 -4.78 14.88
C HIS C 24 -2.40 -3.83 16.07
N PHE C 25 -1.48 -2.85 16.08
CA PHE C 25 -1.31 -1.92 17.19
C PHE C 25 -2.55 -1.05 17.40
N THR C 26 -3.27 -0.75 16.32
CA THR C 26 -4.44 0.11 16.44
C THR C 26 -5.62 -0.57 17.16
N LYS C 27 -5.57 -1.89 17.30
CA LYS C 27 -6.61 -2.65 18.02
C LYS C 27 -6.66 -2.20 19.48
N LEU C 28 -5.51 -1.80 20.00
CA LEU C 28 -5.33 -1.58 21.42
C LEU C 28 -5.58 -0.12 21.80
N ARG C 29 -5.96 0.69 20.83
CA ARG C 29 -6.22 2.10 21.07
C ARG C 29 -7.50 2.26 21.85
N PRO C 30 -7.54 3.28 22.73
CA PRO C 30 -8.74 3.60 23.50
C PRO C 30 -9.91 3.89 22.58
N LYS C 31 -11.08 3.40 22.97
CA LYS C 31 -12.30 3.58 22.19
C LYS C 31 -13.11 4.78 22.67
N ARG C 32 -13.66 5.51 21.72
CA ARG C 32 -14.59 6.60 21.99
C ARG C 32 -15.97 6.07 21.63
N ASN C 33 -16.92 6.21 22.55
CA ASN C 33 -18.27 5.77 22.30
C ASN C 33 -19.07 6.80 21.51
N LYS C 34 -19.76 6.35 20.47
CA LYS C 34 -20.65 7.22 19.72
C LYS C 34 -22.06 7.13 20.21
N LYS C 35 -22.82 8.21 20.03
CA LYS C 35 -24.24 8.22 20.35
C LYS C 35 -25.05 7.65 19.18
N GLN C 36 -24.51 7.76 17.95
CA GLN C 36 -25.08 7.09 16.78
C GLN C 36 -24.08 6.55 15.78
N GLN C 37 -24.35 5.33 15.29
CA GLN C 37 -23.52 4.69 14.29
C GLN C 37 -23.81 5.25 12.90
N PRO C 38 -22.81 5.16 12.00
CA PRO C 38 -22.85 5.76 10.67
C PRO C 38 -23.93 5.19 9.77
N THR C 39 -24.44 6.02 8.86
CA THR C 39 -25.30 5.59 7.77
C THR C 39 -24.42 4.83 6.75
N GLN C 40 -23.44 5.56 6.20
CA GLN C 40 -22.41 5.01 5.32
C GLN C 40 -21.03 5.23 5.92
N ALA C 41 -20.10 4.35 5.58
CA ALA C 41 -18.71 4.48 6.00
C ALA C 41 -18.00 5.67 5.35
N ALA C 42 -18.17 5.81 4.03
CA ALA C 42 -17.60 6.91 3.27
C ALA C 42 -18.31 8.22 3.60
#